data_5M5F
#
_entry.id   5M5F
#
_cell.length_a   92.428
_cell.length_b   92.428
_cell.length_c   130.192
_cell.angle_alpha   90.00
_cell.angle_beta   90.00
_cell.angle_gamma   120.00
#
_symmetry.space_group_name_H-M   'P 61 2 2'
#
loop_
_entity.id
_entity.type
_entity.pdbx_description
1 polymer Thermolysin
2 non-polymer 'ZINC ION'
3 non-polymer 'CALCIUM ION'
4 non-polymer GLYCEROL
5 non-polymer '(2~{S})-4-methyl-2-[2-[[oxidanyl(phenylmethoxycarbonylaminomethyl)phosphoryl]amino]ethanoylamino]pentanoic acid'
6 non-polymer 'DIMETHYL SULFOXIDE'
7 non-polymer KRYPTON
8 water water
#
_entity_poly.entity_id   1
_entity_poly.type   'polypeptide(L)'
_entity_poly.pdbx_seq_one_letter_code
;ITGTSTVGVGRGVLGDQKNINTTYSTYYYLQDNTRGNGIFTYDAKYRTTLPGSLWADADNQFFASYDAPAVDAHYYAGVT
YDYYKNVHNRLSYDGNNAAIRSSVHYSQGYNNAFWNGSQMVYGDGDGQTFIPLSGGIDVVAHELTHAVTDYTAGLIYQNE
SGAINEAISDIFGTLVEFYANKNPDWEIGEDVYTPGISGDSLRSMSDPAKYGDPDHYSKRYTGTQDNGGVHINSGIINKA
AYLISQGGTHYGVSVVGIGRDKLGKIFYRALTQYLTPTSNFSQLRAAAVQSATDLYGSTSQEVASVKQAFDAVGVK
;
_entity_poly.pdbx_strand_id   E
#
loop_
_chem_comp.id
_chem_comp.type
_chem_comp.name
_chem_comp.formula
7GR non-polymer '(2~{S})-4-methyl-2-[2-[[oxidanyl(phenylmethoxycarbonylaminomethyl)phosphoryl]amino]ethanoylamino]pentanoic acid' 'C17 H26 N3 O7 P'
CA non-polymer 'CALCIUM ION' 'Ca 2'
DMS non-polymer 'DIMETHYL SULFOXIDE' 'C2 H6 O S'
GOL non-polymer GLYCEROL 'C3 H8 O3'
KR non-polymer KRYPTON Kr
ZN non-polymer 'ZINC ION' 'Zn 2'
#
# COMPACT_ATOMS: atom_id res chain seq x y z
N ILE A 1 15.31 -18.94 8.59
CA ILE A 1 15.99 -20.24 8.85
C ILE A 1 17.13 -20.44 7.86
N THR A 2 18.10 -21.24 8.25
CA THR A 2 19.18 -21.61 7.34
C THR A 2 18.73 -22.74 6.44
N GLY A 3 18.92 -22.59 5.14
CA GLY A 3 18.52 -23.62 4.22
C GLY A 3 18.90 -23.20 2.83
N THR A 4 18.32 -23.85 1.85
CA THR A 4 18.64 -23.52 0.46
C THR A 4 17.41 -22.92 -0.22
N SER A 5 17.66 -21.98 -1.11
CA SER A 5 16.58 -21.31 -1.82
C SER A 5 15.94 -22.24 -2.84
N THR A 6 14.60 -22.25 -2.82
CA THR A 6 13.79 -23.13 -3.65
C THR A 6 12.66 -22.30 -4.25
N VAL A 7 11.94 -22.92 -5.18
CA VAL A 7 10.82 -22.26 -5.87
C VAL A 7 9.61 -23.14 -5.78
N GLY A 8 8.62 -22.72 -5.00
CA GLY A 8 7.35 -23.41 -4.89
C GLY A 8 6.34 -22.83 -5.84
N VAL A 9 5.18 -23.48 -5.89
N VAL A 9 5.17 -23.48 -5.87
CA VAL A 9 4.09 -23.02 -6.75
CA VAL A 9 4.09 -23.10 -6.76
C VAL A 9 2.81 -23.14 -5.96
C VAL A 9 2.80 -23.16 -5.96
N GLY A 10 1.90 -22.21 -6.18
CA GLY A 10 0.65 -22.27 -5.48
C GLY A 10 -0.39 -21.40 -6.13
N ARG A 11 -1.51 -21.26 -5.43
CA ARG A 11 -2.62 -20.44 -5.89
C ARG A 11 -2.94 -19.39 -4.85
N GLY A 12 -3.18 -18.19 -5.30
CA GLY A 12 -3.54 -17.09 -4.43
C GLY A 12 -5.04 -17.04 -4.14
N VAL A 13 -5.43 -16.00 -3.41
CA VAL A 13 -6.81 -15.80 -2.94
C VAL A 13 -7.80 -15.77 -4.10
N LEU A 14 -7.43 -15.19 -5.23
N LEU A 14 -7.44 -15.18 -5.22
CA LEU A 14 -8.31 -15.11 -6.39
CA LEU A 14 -8.34 -15.10 -6.37
C LEU A 14 -8.15 -16.29 -7.36
C LEU A 14 -8.25 -16.33 -7.28
N GLY A 15 -7.46 -17.34 -6.95
CA GLY A 15 -7.41 -18.56 -7.73
C GLY A 15 -6.33 -18.59 -8.78
N ASP A 16 -5.46 -17.61 -8.83
CA ASP A 16 -4.41 -17.53 -9.82
C ASP A 16 -3.15 -18.27 -9.36
N GLN A 17 -2.50 -18.96 -10.29
CA GLN A 17 -1.30 -19.73 -9.97
C GLN A 17 -0.09 -18.81 -10.06
N LYS A 18 0.83 -18.97 -9.12
CA LYS A 18 2.06 -18.18 -9.15
C LYS A 18 3.17 -18.97 -8.49
N ASN A 19 4.39 -18.69 -8.91
CA ASN A 19 5.58 -19.23 -8.26
C ASN A 19 5.95 -18.36 -7.07
N ILE A 20 6.46 -19.00 -6.01
N ILE A 20 6.48 -18.99 -6.03
CA ILE A 20 6.88 -18.32 -4.79
CA ILE A 20 6.92 -18.25 -4.86
C ILE A 20 8.28 -18.76 -4.41
C ILE A 20 8.28 -18.76 -4.42
N ASN A 21 9.08 -17.83 -3.92
CA ASN A 21 10.41 -18.16 -3.42
C ASN A 21 10.33 -18.70 -2.01
N THR A 22 10.85 -19.91 -1.82
CA THR A 22 10.78 -20.61 -0.54
C THR A 22 12.20 -20.99 -0.12
N THR A 23 12.32 -21.56 1.07
CA THR A 23 13.57 -22.06 1.62
C THR A 23 13.35 -23.49 2.12
N TYR A 24 14.23 -24.40 1.72
CA TYR A 24 14.12 -25.79 2.16
C TYR A 24 15.12 -26.10 3.26
N SER A 25 14.58 -26.63 4.36
CA SER A 25 15.36 -27.24 5.43
C SER A 25 14.32 -28.08 6.20
N THR A 26 14.26 -29.35 5.84
CA THR A 26 13.26 -30.32 6.27
C THR A 26 11.87 -30.04 5.68
N TYR A 27 11.34 -28.86 5.98
CA TYR A 27 10.15 -28.30 5.37
C TYR A 27 10.55 -27.24 4.34
N TYR A 28 9.58 -26.86 3.51
CA TYR A 28 9.68 -25.70 2.65
C TYR A 28 9.00 -24.54 3.34
N TYR A 29 9.75 -23.49 3.60
CA TYR A 29 9.24 -22.35 4.32
C TYR A 29 8.98 -21.19 3.38
N LEU A 30 7.99 -20.36 3.73
CA LEU A 30 7.76 -19.10 3.01
C LEU A 30 8.80 -18.10 3.47
N GLN A 31 9.98 -18.27 2.90
CA GLN A 31 11.16 -17.45 3.17
C GLN A 31 11.85 -17.26 1.81
N ASP A 32 11.76 -16.03 1.29
CA ASP A 32 12.31 -15.63 0.00
C ASP A 32 13.66 -14.98 0.25
N ASN A 33 14.72 -15.68 -0.12
CA ASN A 33 16.08 -15.17 0.09
C ASN A 33 16.58 -14.31 -1.05
N THR A 34 15.76 -14.14 -2.09
CA THR A 34 16.21 -13.45 -3.29
C THR A 34 16.13 -11.95 -3.17
N ARG A 35 15.49 -11.44 -2.13
CA ARG A 35 15.23 -10.01 -1.97
C ARG A 35 15.76 -9.56 -0.62
N GLY A 36 16.78 -8.70 -0.64
CA GLY A 36 17.29 -8.12 0.57
C GLY A 36 17.73 -9.16 1.57
N ASN A 37 17.37 -8.94 2.83
CA ASN A 37 17.61 -9.89 3.90
C ASN A 37 16.42 -10.79 4.15
N GLY A 38 15.60 -10.94 3.14
CA GLY A 38 14.56 -11.93 3.12
C GLY A 38 13.16 -11.34 3.26
N ILE A 39 12.21 -12.10 2.74
CA ILE A 39 10.78 -11.89 2.95
C ILE A 39 10.26 -13.15 3.61
N PHE A 40 9.59 -12.99 4.74
CA PHE A 40 9.19 -14.09 5.61
C PHE A 40 7.70 -13.98 5.87
N THR A 41 6.96 -15.07 5.64
CA THR A 41 5.53 -15.09 5.84
C THR A 41 5.17 -16.14 6.88
N TYR A 42 4.29 -15.74 7.79
CA TYR A 42 3.95 -16.48 8.99
C TYR A 42 2.47 -16.81 9.06
N ASP A 43 2.17 -17.90 9.75
CA ASP A 43 0.80 -18.34 10.05
C ASP A 43 0.44 -17.87 11.46
N ALA A 44 -0.55 -16.96 11.57
CA ALA A 44 -1.09 -16.58 12.87
C ALA A 44 -2.20 -17.50 13.35
N LYS A 45 -2.66 -18.45 12.53
CA LYS A 45 -3.51 -19.57 12.99
C LYS A 45 -4.81 -19.13 13.63
N TYR A 46 -5.37 -18.04 13.14
CA TYR A 46 -6.62 -17.46 13.62
C TYR A 46 -6.51 -16.80 14.97
N ARG A 47 -5.31 -16.69 15.52
CA ARG A 47 -5.08 -16.03 16.77
C ARG A 47 -4.49 -14.65 16.55
N THR A 48 -4.20 -13.96 17.65
CA THR A 48 -3.71 -12.59 17.61
C THR A 48 -2.31 -12.45 18.18
N THR A 49 -1.65 -13.56 18.49
N THR A 49 -1.68 -13.56 18.56
CA THR A 49 -0.27 -13.54 18.96
CA THR A 49 -0.27 -13.56 18.90
C THR A 49 0.66 -13.53 17.74
C THR A 49 0.53 -13.39 17.62
N LEU A 50 1.55 -12.53 17.66
CA LEU A 50 2.35 -12.26 16.47
C LEU A 50 3.81 -12.49 16.73
N PRO A 51 4.55 -12.95 15.72
CA PRO A 51 4.08 -13.18 14.34
C PRO A 51 3.35 -14.49 14.10
N GLY A 52 3.43 -15.43 15.04
CA GLY A 52 2.99 -16.77 14.76
C GLY A 52 4.17 -17.59 14.31
N SER A 53 3.92 -18.57 13.46
N SER A 53 3.92 -18.65 13.56
CA SER A 53 4.93 -19.53 13.07
CA SER A 53 5.00 -19.55 13.14
C SER A 53 5.35 -19.29 11.63
C SER A 53 5.35 -19.33 11.67
N LEU A 54 6.65 -19.32 11.36
CA LEU A 54 7.11 -19.21 9.98
C LEU A 54 6.43 -20.28 9.15
N TRP A 55 5.84 -19.91 8.02
CA TRP A 55 4.98 -20.83 7.29
C TRP A 55 5.77 -22.01 6.73
N ALA A 56 5.42 -23.21 7.17
CA ALA A 56 6.06 -24.45 6.79
C ALA A 56 5.11 -25.31 5.96
N ASP A 57 5.65 -25.93 4.90
CA ASP A 57 4.88 -26.76 4.00
C ASP A 57 5.72 -27.98 3.62
N ALA A 58 5.09 -29.14 3.59
CA ALA A 58 5.82 -30.37 3.38
C ALA A 58 6.34 -30.55 1.97
N ASP A 59 5.64 -30.04 0.93
CA ASP A 59 5.93 -30.42 -0.44
C ASP A 59 6.21 -29.28 -1.40
N ASN A 60 6.23 -28.04 -0.93
CA ASN A 60 6.53 -26.90 -1.79
C ASN A 60 5.40 -26.57 -2.76
N GLN A 61 4.20 -27.12 -2.55
CA GLN A 61 3.03 -26.85 -3.36
C GLN A 61 1.99 -26.22 -2.44
N PHE A 62 1.44 -25.10 -2.86
CA PHE A 62 0.62 -24.26 -1.98
C PHE A 62 -0.75 -24.00 -2.64
N PHE A 63 -1.50 -25.08 -2.87
CA PHE A 63 -2.78 -25.04 -3.53
C PHE A 63 -3.96 -25.25 -2.59
N ALA A 64 -3.73 -25.38 -1.30
CA ALA A 64 -4.85 -25.55 -0.37
C ALA A 64 -5.51 -24.20 -0.14
N SER A 65 -6.80 -24.23 0.15
N SER A 65 -6.80 -24.24 0.15
CA SER A 65 -7.49 -22.97 0.46
CA SER A 65 -7.49 -22.99 0.46
C SER A 65 -6.81 -22.24 1.60
C SER A 65 -6.79 -22.23 1.58
N TYR A 66 -6.34 -22.97 2.61
CA TYR A 66 -5.68 -22.32 3.75
C TYR A 66 -4.38 -21.64 3.34
N ASP A 67 -3.76 -22.12 2.27
CA ASP A 67 -2.48 -21.55 1.80
C ASP A 67 -2.65 -20.21 1.08
N ALA A 68 -3.83 -19.96 0.50
CA ALA A 68 -3.95 -18.88 -0.46
C ALA A 68 -3.57 -17.52 0.10
N PRO A 69 -3.99 -17.13 1.31
CA PRO A 69 -3.59 -15.80 1.82
C PRO A 69 -2.10 -15.68 2.02
N ALA A 70 -1.44 -16.78 2.37
CA ALA A 70 -0.01 -16.76 2.56
C ALA A 70 0.72 -16.59 1.24
N VAL A 71 0.29 -17.32 0.20
CA VAL A 71 0.87 -17.20 -1.13
C VAL A 71 0.88 -15.73 -1.55
N ASP A 72 -0.26 -15.05 -1.39
CA ASP A 72 -0.39 -13.69 -1.89
C ASP A 72 0.35 -12.70 -1.01
N ALA A 73 0.33 -12.84 0.30
CA ALA A 73 1.09 -11.93 1.13
C ALA A 73 2.56 -12.01 0.77
N HIS A 74 3.05 -13.22 0.56
CA HIS A 74 4.46 -13.47 0.26
C HIS A 74 4.81 -12.89 -1.11
N TYR A 75 4.01 -13.25 -2.11
CA TYR A 75 4.30 -12.85 -3.49
C TYR A 75 4.18 -11.33 -3.65
N TYR A 76 3.11 -10.73 -3.12
CA TYR A 76 2.91 -9.29 -3.31
C TYR A 76 3.89 -8.48 -2.47
N ALA A 77 4.38 -9.01 -1.35
CA ALA A 77 5.50 -8.34 -0.69
C ALA A 77 6.71 -8.31 -1.60
N GLY A 78 6.95 -9.39 -2.34
CA GLY A 78 8.04 -9.38 -3.32
C GLY A 78 7.86 -8.35 -4.40
N VAL A 79 6.65 -8.24 -4.95
CA VAL A 79 6.41 -7.23 -5.98
C VAL A 79 6.68 -5.84 -5.42
N THR A 80 6.20 -5.59 -4.20
CA THR A 80 6.37 -4.27 -3.60
C THR A 80 7.84 -3.95 -3.35
N TYR A 81 8.59 -4.94 -2.86
CA TYR A 81 10.04 -4.78 -2.72
C TYR A 81 10.67 -4.40 -4.06
N ASP A 82 10.27 -5.10 -5.12
CA ASP A 82 10.82 -4.85 -6.44
C ASP A 82 10.48 -3.43 -6.91
N TYR A 83 9.25 -2.98 -6.68
CA TYR A 83 8.89 -1.63 -7.07
C TYR A 83 9.81 -0.63 -6.39
N TYR A 84 9.93 -0.71 -5.07
CA TYR A 84 10.75 0.29 -4.38
C TYR A 84 12.22 0.22 -4.82
N LYS A 85 12.75 -0.99 -5.02
CA LYS A 85 14.15 -1.10 -5.43
C LYS A 85 14.35 -0.60 -6.86
N ASN A 86 13.54 -1.10 -7.79
CA ASN A 86 13.76 -0.82 -9.21
C ASN A 86 13.36 0.58 -9.59
N VAL A 87 12.32 1.12 -8.96
CA VAL A 87 11.78 2.42 -9.33
C VAL A 87 12.42 3.55 -8.52
N HIS A 88 12.65 3.34 -7.23
CA HIS A 88 13.11 4.38 -6.35
C HIS A 88 14.48 4.14 -5.75
N ASN A 89 15.14 3.05 -6.14
CA ASN A 89 16.45 2.72 -5.58
C ASN A 89 16.40 2.65 -4.06
N ARG A 90 15.30 2.13 -3.52
CA ARG A 90 15.16 1.94 -2.09
C ARG A 90 15.16 0.45 -1.78
N LEU A 91 16.02 0.06 -0.83
CA LEU A 91 16.23 -1.34 -0.45
C LEU A 91 15.40 -1.62 0.80
N SER A 92 14.24 -2.26 0.60
CA SER A 92 13.30 -2.53 1.67
C SER A 92 12.79 -1.27 2.35
N TYR A 93 12.03 -1.46 3.42
CA TYR A 93 11.33 -0.32 3.99
C TYR A 93 12.26 0.62 4.72
N ASP A 94 13.37 0.12 5.26
CA ASP A 94 14.32 0.96 6.01
C ASP A 94 15.45 1.48 5.12
N GLY A 95 15.47 1.11 3.85
CA GLY A 95 16.55 1.50 2.97
C GLY A 95 17.82 0.70 3.14
N ASN A 96 17.85 -0.27 4.04
N ASN A 96 17.83 -0.29 4.04
CA ASN A 96 19.02 -1.11 4.28
CA ASN A 96 18.99 -1.12 4.33
C ASN A 96 18.62 -2.57 4.28
C ASN A 96 18.64 -2.58 4.26
N ASN A 97 17.64 -2.93 3.44
CA ASN A 97 17.27 -4.33 3.23
C ASN A 97 16.77 -5.03 4.49
N ALA A 98 16.07 -4.33 5.39
CA ALA A 98 15.43 -5.02 6.50
C ALA A 98 14.58 -6.18 6.01
N ALA A 99 14.61 -7.27 6.76
CA ALA A 99 13.73 -8.39 6.51
C ALA A 99 12.27 -7.93 6.58
N ILE A 100 11.47 -8.42 5.65
CA ILE A 100 10.06 -8.07 5.57
C ILE A 100 9.24 -9.24 6.09
N ARG A 101 8.46 -9.00 7.13
CA ARG A 101 7.68 -10.05 7.77
C ARG A 101 6.19 -9.75 7.65
N SER A 102 5.42 -10.79 7.34
CA SER A 102 3.96 -10.71 7.28
C SER A 102 3.34 -11.90 7.97
N SER A 103 2.21 -11.69 8.64
CA SER A 103 1.41 -12.78 9.18
C SER A 103 0.04 -12.77 8.55
N VAL A 104 -0.45 -13.96 8.21
CA VAL A 104 -1.78 -14.13 7.66
C VAL A 104 -2.61 -15.01 8.60
N HIS A 105 -3.89 -15.11 8.30
CA HIS A 105 -4.85 -15.77 9.18
C HIS A 105 -4.83 -15.13 10.57
N TYR A 106 -4.74 -13.80 10.60
CA TYR A 106 -4.80 -13.08 11.87
C TYR A 106 -6.24 -13.00 12.38
N SER A 107 -6.47 -13.48 13.60
CA SER A 107 -7.77 -13.41 14.25
C SER A 107 -8.81 -14.21 13.47
N GLN A 108 -10.08 -13.94 13.75
CA GLN A 108 -11.20 -14.63 13.12
C GLN A 108 -12.13 -13.61 12.50
N GLY A 109 -12.44 -13.80 11.21
CA GLY A 109 -13.33 -12.87 10.52
C GLY A 109 -12.85 -11.44 10.48
N TYR A 110 -11.54 -11.23 10.40
CA TYR A 110 -10.94 -9.94 10.68
C TYR A 110 -10.91 -9.10 9.40
N ASN A 111 -11.67 -8.03 9.39
CA ASN A 111 -11.89 -7.18 8.22
C ASN A 111 -10.87 -6.04 8.18
N ASN A 112 -9.58 -6.37 8.23
CA ASN A 112 -8.59 -5.32 8.17
C ASN A 112 -7.22 -5.94 7.96
N ALA A 113 -6.25 -5.06 7.77
CA ALA A 113 -4.83 -5.38 7.65
C ALA A 113 -4.08 -4.18 8.19
N PHE A 114 -2.85 -4.38 8.65
CA PHE A 114 -2.13 -3.28 9.29
C PHE A 114 -0.64 -3.58 9.35
N TRP A 115 0.11 -2.52 9.59
CA TRP A 115 1.53 -2.57 9.97
C TRP A 115 1.57 -2.30 11.47
N ASN A 116 2.12 -3.23 12.24
CA ASN A 116 2.05 -3.11 13.70
C ASN A 116 3.26 -2.42 14.32
N GLY A 117 4.06 -1.74 13.51
CA GLY A 117 5.33 -1.17 13.94
C GLY A 117 6.53 -2.00 13.55
N SER A 118 6.32 -3.30 13.27
CA SER A 118 7.40 -4.25 13.00
C SER A 118 7.12 -5.21 11.87
N GLN A 119 5.86 -5.38 11.46
CA GLN A 119 5.48 -6.38 10.46
C GLN A 119 4.11 -6.04 9.91
N MET A 120 3.80 -6.68 8.79
CA MET A 120 2.45 -6.62 8.23
C MET A 120 1.58 -7.74 8.79
N VAL A 121 0.30 -7.46 8.88
CA VAL A 121 -0.70 -8.35 9.49
C VAL A 121 -1.95 -8.33 8.64
N TYR A 122 -2.46 -9.50 8.25
CA TYR A 122 -3.64 -9.58 7.37
C TYR A 122 -4.73 -10.45 7.98
N GLY A 123 -5.92 -9.88 8.10
CA GLY A 123 -7.10 -10.68 8.38
C GLY A 123 -7.56 -11.48 7.17
N ASP A 124 -8.41 -12.44 7.44
CA ASP A 124 -9.07 -13.24 6.43
C ASP A 124 -10.36 -12.61 5.94
N GLY A 125 -10.86 -11.57 6.62
CA GLY A 125 -12.18 -11.08 6.34
C GLY A 125 -13.24 -12.01 6.86
N ASP A 126 -14.49 -11.51 6.91
CA ASP A 126 -15.61 -12.33 7.37
C ASP A 126 -16.32 -13.03 6.22
N GLY A 127 -15.80 -12.92 5.02
CA GLY A 127 -16.37 -13.55 3.86
C GLY A 127 -17.48 -12.76 3.20
N GLN A 128 -17.96 -11.70 3.84
CA GLN A 128 -18.99 -10.81 3.31
C GLN A 128 -18.45 -9.41 3.05
N THR A 129 -17.85 -8.78 4.05
CA THR A 129 -17.21 -7.49 3.84
C THR A 129 -15.90 -7.65 3.07
N PHE A 130 -15.14 -8.70 3.39
CA PHE A 130 -13.85 -8.95 2.74
C PHE A 130 -13.63 -10.44 2.59
N ILE A 131 -12.82 -10.79 1.59
CA ILE A 131 -12.08 -12.05 1.53
C ILE A 131 -10.66 -11.75 2.01
N PRO A 132 -9.78 -12.73 2.12
CA PRO A 132 -8.50 -12.45 2.78
C PRO A 132 -7.74 -11.30 2.12
N LEU A 133 -7.32 -10.34 2.95
CA LEU A 133 -6.98 -9.03 2.43
C LEU A 133 -5.65 -9.01 1.67
N SER A 134 -4.79 -10.00 1.89
CA SER A 134 -3.56 -10.10 1.11
C SER A 134 -3.84 -10.43 -0.34
N GLY A 135 -5.09 -10.75 -0.73
CA GLY A 135 -5.40 -10.92 -2.12
C GLY A 135 -5.33 -9.64 -2.93
N GLY A 136 -5.25 -8.49 -2.29
CA GLY A 136 -5.20 -7.20 -2.96
C GLY A 136 -3.78 -6.67 -3.00
N ILE A 137 -3.18 -6.59 -4.19
CA ILE A 137 -1.82 -6.09 -4.29
C ILE A 137 -1.73 -4.67 -3.77
N ASP A 138 -2.75 -3.85 -4.05
CA ASP A 138 -2.76 -2.48 -3.54
C ASP A 138 -2.80 -2.46 -2.02
N VAL A 139 -3.53 -3.40 -1.39
CA VAL A 139 -3.57 -3.50 0.07
C VAL A 139 -2.21 -3.88 0.61
N VAL A 140 -1.59 -4.92 0.07
CA VAL A 140 -0.25 -5.32 0.52
C VAL A 140 0.72 -4.15 0.42
N ALA A 141 0.75 -3.49 -0.74
CA ALA A 141 1.68 -2.39 -0.94
C ALA A 141 1.33 -1.21 -0.03
N HIS A 142 0.02 -0.97 0.22
CA HIS A 142 -0.41 0.03 1.19
C HIS A 142 0.23 -0.26 2.54
N GLU A 143 0.14 -1.51 3.00
CA GLU A 143 0.67 -1.87 4.32
C GLU A 143 2.18 -1.70 4.38
N LEU A 144 2.90 -2.19 3.36
CA LEU A 144 4.35 -2.07 3.41
C LEU A 144 4.76 -0.61 3.31
N THR A 145 3.97 0.20 2.61
CA THR A 145 4.28 1.61 2.55
C THR A 145 4.16 2.30 3.90
N HIS A 146 3.29 1.84 4.79
CA HIS A 146 3.30 2.39 6.14
C HIS A 146 4.67 2.24 6.79
N ALA A 147 5.33 1.10 6.58
CA ALA A 147 6.68 0.92 7.10
C ALA A 147 7.66 1.91 6.49
N VAL A 148 7.57 2.12 5.18
CA VAL A 148 8.41 3.13 4.51
C VAL A 148 8.20 4.50 5.12
N THR A 149 6.93 4.90 5.28
CA THR A 149 6.61 6.18 5.90
C THR A 149 7.19 6.25 7.31
N ASP A 150 7.01 5.20 8.10
CA ASP A 150 7.47 5.27 9.49
C ASP A 150 8.97 5.43 9.59
N TYR A 151 9.73 4.87 8.64
CA TYR A 151 11.18 5.01 8.64
C TYR A 151 11.66 6.31 8.01
N THR A 152 10.79 7.09 7.36
CA THR A 152 11.20 8.27 6.61
C THR A 152 10.48 9.47 7.21
N ALA A 153 9.40 9.94 6.61
CA ALA A 153 8.76 11.15 7.12
C ALA A 153 8.27 10.96 8.54
N GLY A 154 7.75 9.78 8.86
CA GLY A 154 7.31 9.54 10.23
C GLY A 154 6.00 10.21 10.59
N LEU A 155 5.17 10.45 9.60
CA LEU A 155 3.90 11.15 9.76
C LEU A 155 3.06 10.54 10.87
N ILE A 156 2.76 11.38 11.86
N ILE A 156 2.75 11.37 11.86
CA ILE A 156 1.95 10.99 13.02
CA ILE A 156 1.97 10.95 13.02
C ILE A 156 0.58 10.52 12.53
C ILE A 156 0.56 10.55 12.57
N TYR A 157 0.06 9.44 13.12
CA TYR A 157 -1.16 8.80 12.59
C TYR A 157 -2.45 9.40 13.15
N GLN A 158 -2.61 10.72 12.96
CA GLN A 158 -3.82 11.40 13.35
C GLN A 158 -3.95 12.70 12.56
N ASN A 159 -5.19 13.13 12.37
CA ASN A 159 -5.47 14.46 11.80
C ASN A 159 -4.78 14.58 10.45
N GLU A 160 -4.29 15.77 10.08
CA GLU A 160 -3.83 15.96 8.70
C GLU A 160 -2.58 15.12 8.41
N SER A 161 -1.63 15.08 9.33
CA SER A 161 -0.44 14.27 9.07
C SER A 161 -0.83 12.81 8.85
N GLY A 162 -1.83 12.34 9.59
CA GLY A 162 -2.26 10.97 9.45
C GLY A 162 -3.00 10.71 8.15
N ALA A 163 -3.78 11.70 7.68
CA ALA A 163 -4.39 11.59 6.36
C ALA A 163 -3.35 11.60 5.26
N ILE A 164 -2.26 12.34 5.41
CA ILE A 164 -1.15 12.25 4.45
C ILE A 164 -0.52 10.87 4.51
N ASN A 165 -0.28 10.37 5.70
CA ASN A 165 0.22 9.02 5.88
C ASN A 165 -0.61 8.01 5.10
N GLU A 166 -1.92 8.05 5.29
CA GLU A 166 -2.86 7.17 4.58
C GLU A 166 -2.76 7.38 3.08
N ALA A 167 -2.78 8.63 2.62
CA ALA A 167 -2.74 8.87 1.18
C ALA A 167 -1.45 8.36 0.56
N ILE A 168 -0.32 8.51 1.26
CA ILE A 168 0.95 7.98 0.77
C ILE A 168 0.82 6.47 0.55
N SER A 169 0.22 5.77 1.50
CA SER A 169 -0.01 4.33 1.35
C SER A 169 -0.95 3.99 0.20
N ASP A 170 -2.01 4.78 -0.01
CA ASP A 170 -2.89 4.54 -1.16
C ASP A 170 -2.21 4.86 -2.49
N ILE A 171 -1.44 5.94 -2.54
CA ILE A 171 -0.73 6.33 -3.75
C ILE A 171 0.25 5.25 -4.15
N PHE A 172 1.13 4.85 -3.23
CA PHE A 172 2.11 3.82 -3.60
C PHE A 172 1.47 2.46 -3.73
N GLY A 173 0.41 2.16 -2.97
CA GLY A 173 -0.30 0.92 -3.23
C GLY A 173 -0.79 0.85 -4.66
N THR A 174 -1.35 1.96 -5.15
CA THR A 174 -1.81 2.06 -6.52
C THR A 174 -0.66 2.00 -7.52
N LEU A 175 0.44 2.70 -7.25
CA LEU A 175 1.56 2.66 -8.18
C LEU A 175 2.17 1.27 -8.26
N VAL A 176 2.16 0.50 -7.16
CA VAL A 176 2.60 -0.89 -7.20
C VAL A 176 1.63 -1.73 -8.02
N GLU A 177 0.33 -1.47 -7.86
CA GLU A 177 -0.66 -2.20 -8.65
C GLU A 177 -0.42 -1.93 -10.14
N PHE A 178 -0.16 -0.69 -10.52
CA PHE A 178 0.16 -0.41 -11.92
C PHE A 178 1.47 -1.05 -12.35
N TYR A 179 2.47 -1.10 -11.45
CA TYR A 179 3.76 -1.72 -11.77
C TYR A 179 3.56 -3.20 -12.13
N ALA A 180 2.75 -3.90 -11.37
CA ALA A 180 2.49 -5.32 -11.65
C ALA A 180 1.62 -5.47 -12.91
N ASN A 181 0.79 -4.47 -13.18
CA ASN A 181 0.05 -4.31 -14.43
C ASN A 181 -0.98 -5.42 -14.67
N LYS A 182 -1.64 -5.86 -13.60
CA LYS A 182 -2.80 -6.77 -13.68
C LYS A 182 -4.06 -6.05 -13.18
N ASN A 183 -4.97 -5.76 -14.08
CA ASN A 183 -6.18 -5.01 -13.78
C ASN A 183 -5.94 -3.76 -12.93
N PRO A 184 -4.99 -2.89 -13.32
CA PRO A 184 -4.69 -1.73 -12.47
C PRO A 184 -5.79 -0.69 -12.56
N ASP A 185 -5.96 0.03 -11.47
CA ASP A 185 -6.93 1.10 -11.38
C ASP A 185 -6.50 2.05 -10.28
N TRP A 186 -7.31 3.10 -10.11
CA TRP A 186 -7.12 4.09 -9.05
C TRP A 186 -8.11 3.89 -7.90
N GLU A 187 -8.62 2.68 -7.73
CA GLU A 187 -9.45 2.29 -6.60
C GLU A 187 -8.59 1.51 -5.61
N ILE A 188 -9.06 1.45 -4.36
CA ILE A 188 -8.30 0.75 -3.32
C ILE A 188 -9.11 -0.44 -2.85
N GLY A 189 -8.50 -1.63 -2.93
CA GLY A 189 -9.07 -2.81 -2.30
C GLY A 189 -10.14 -3.53 -3.06
N GLU A 190 -10.38 -3.14 -4.33
CA GLU A 190 -11.45 -3.73 -5.11
C GLU A 190 -11.35 -5.24 -5.25
N ASP A 191 -10.14 -5.81 -5.19
CA ASP A 191 -10.02 -7.24 -5.43
C ASP A 191 -10.44 -8.09 -4.23
N VAL A 192 -10.55 -7.50 -3.03
CA VAL A 192 -10.87 -8.26 -1.83
C VAL A 192 -12.11 -7.75 -1.12
N TYR A 193 -12.64 -6.61 -1.49
CA TYR A 193 -13.78 -6.00 -0.82
C TYR A 193 -15.07 -6.57 -1.39
N THR A 194 -16.01 -6.94 -0.48
CA THR A 194 -17.40 -7.30 -0.81
C THR A 194 -17.49 -8.26 -1.98
N PRO A 195 -17.14 -9.52 -1.77
CA PRO A 195 -17.25 -10.49 -2.86
C PRO A 195 -18.63 -10.58 -3.49
N GLY A 196 -19.70 -10.25 -2.78
CA GLY A 196 -21.01 -10.28 -3.36
C GLY A 196 -21.44 -9.05 -4.13
N ILE A 197 -20.63 -8.00 -4.20
CA ILE A 197 -20.96 -6.76 -4.88
C ILE A 197 -19.85 -6.45 -5.88
N SER A 198 -20.19 -6.35 -7.14
CA SER A 198 -19.20 -6.04 -8.17
C SER A 198 -19.06 -4.53 -8.35
N GLY A 199 -17.85 -4.10 -8.67
CA GLY A 199 -17.62 -2.75 -9.11
C GLY A 199 -17.40 -1.73 -8.03
N ASP A 200 -17.35 -2.16 -6.76
CA ASP A 200 -17.11 -1.26 -5.65
C ASP A 200 -15.69 -1.44 -5.12
N SER A 201 -15.35 -0.67 -4.11
N SER A 201 -15.33 -0.62 -4.13
CA SER A 201 -14.02 -0.76 -3.51
CA SER A 201 -13.98 -0.49 -3.62
C SER A 201 -14.09 -0.05 -2.17
C SER A 201 -14.06 0.08 -2.21
N LEU A 202 -12.96 -0.07 -1.49
N LEU A 202 -12.98 -0.09 -1.43
CA LEU A 202 -12.89 0.54 -0.17
CA LEU A 202 -12.89 0.60 -0.14
C LEU A 202 -12.80 2.07 -0.25
C LEU A 202 -12.88 2.11 -0.32
N ARG A 203 -12.03 2.58 -1.21
CA ARG A 203 -11.85 3.99 -1.50
C ARG A 203 -11.60 4.14 -2.99
N SER A 204 -11.88 5.34 -3.51
CA SER A 204 -11.51 5.70 -4.86
C SER A 204 -10.61 6.92 -4.80
N MET A 205 -9.47 6.87 -5.51
CA MET A 205 -8.64 8.07 -5.60
C MET A 205 -9.13 9.01 -6.69
N SER A 206 -9.71 8.47 -7.74
CA SER A 206 -10.18 9.28 -8.83
C SER A 206 -11.47 10.00 -8.49
N ASP A 207 -12.28 9.43 -7.61
CA ASP A 207 -13.53 10.06 -7.18
C ASP A 207 -13.81 9.64 -5.75
N PRO A 208 -13.09 10.23 -4.80
CA PRO A 208 -13.25 9.79 -3.40
C PRO A 208 -14.68 9.87 -2.92
N ALA A 209 -15.43 10.84 -3.40
CA ALA A 209 -16.79 11.04 -2.91
C ALA A 209 -17.70 9.86 -3.23
N LYS A 210 -17.34 9.00 -4.18
CA LYS A 210 -18.15 7.82 -4.48
C LYS A 210 -18.32 6.91 -3.27
N TYR A 211 -17.31 6.87 -2.40
CA TYR A 211 -17.35 6.04 -1.20
C TYR A 211 -17.33 6.90 0.06
N GLY A 212 -17.91 8.13 -0.04
CA GLY A 212 -18.16 9.00 1.09
C GLY A 212 -17.02 9.91 1.52
N ASP A 213 -15.94 9.94 0.83
CA ASP A 213 -14.78 10.66 1.31
C ASP A 213 -14.65 12.00 0.59
N PRO A 214 -14.10 12.99 1.29
CA PRO A 214 -13.95 14.33 0.70
C PRO A 214 -12.97 14.38 -0.44
N ASP A 215 -13.26 15.29 -1.36
CA ASP A 215 -12.45 15.54 -2.53
C ASP A 215 -12.08 17.02 -2.63
N HIS A 216 -12.21 17.75 -1.52
CA HIS A 216 -11.87 19.16 -1.43
C HIS A 216 -11.71 19.47 0.06
N TYR A 217 -10.74 20.33 0.34
CA TYR A 217 -10.41 20.68 1.72
C TYR A 217 -11.61 21.27 2.47
N SER A 218 -12.52 21.95 1.75
CA SER A 218 -13.71 22.52 2.38
C SER A 218 -14.67 21.44 2.87
N LYS A 219 -14.45 20.18 2.50
CA LYS A 219 -15.29 19.06 2.94
C LYS A 219 -14.55 18.16 3.90
N ARG A 220 -13.42 18.61 4.45
CA ARG A 220 -12.67 17.76 5.37
C ARG A 220 -13.48 17.46 6.64
N TYR A 221 -13.21 16.27 7.18
CA TYR A 221 -13.74 15.84 8.46
C TYR A 221 -12.86 16.36 9.58
N THR A 222 -13.48 16.88 10.65
CA THR A 222 -12.64 17.33 11.76
C THR A 222 -13.14 16.82 13.10
N GLY A 223 -13.90 15.73 13.08
CA GLY A 223 -14.25 15.02 14.28
C GLY A 223 -13.12 14.11 14.71
N THR A 224 -13.45 13.22 15.65
CA THR A 224 -12.44 12.38 16.28
C THR A 224 -12.45 10.92 15.81
N GLN A 225 -13.47 10.48 15.10
N GLN A 225 -13.47 10.50 15.07
CA GLN A 225 -13.46 9.10 14.68
CA GLN A 225 -13.55 9.14 14.54
C GLN A 225 -12.32 8.87 13.70
C GLN A 225 -12.32 8.88 13.67
N ASP A 226 -11.88 7.61 13.62
CA ASP A 226 -10.87 7.20 12.65
C ASP A 226 -9.60 8.04 12.80
N ASN A 227 -9.17 8.25 14.05
CA ASN A 227 -7.96 9.02 14.34
C ASN A 227 -8.03 10.42 13.73
N GLY A 228 -9.20 11.03 13.79
CA GLY A 228 -9.37 12.33 13.15
C GLY A 228 -9.53 12.24 11.65
N GLY A 229 -10.11 11.15 11.16
CA GLY A 229 -10.43 10.99 9.76
C GLY A 229 -9.30 10.60 8.86
N VAL A 230 -8.32 9.81 9.32
CA VAL A 230 -7.15 9.54 8.47
C VAL A 230 -7.50 8.80 7.19
N HIS A 231 -8.52 7.92 7.21
CA HIS A 231 -8.96 7.21 6.01
C HIS A 231 -10.05 7.94 5.24
N ILE A 232 -10.44 9.11 5.74
CA ILE A 232 -11.49 9.95 5.17
C ILE A 232 -10.85 11.10 4.45
N ASN A 233 -10.10 11.94 5.19
CA ASN A 233 -9.41 13.08 4.61
C ASN A 233 -8.28 12.69 3.69
N SER A 234 -7.84 11.41 3.70
CA SER A 234 -6.90 10.97 2.68
C SER A 234 -7.47 11.19 1.28
N GLY A 235 -8.78 11.27 1.14
CA GLY A 235 -9.38 11.46 -0.17
C GLY A 235 -8.99 12.78 -0.81
N ILE A 236 -8.74 13.80 0.00
CA ILE A 236 -8.35 15.10 -0.53
C ILE A 236 -6.98 14.99 -1.20
N ILE A 237 -6.03 14.31 -0.53
CA ILE A 237 -4.69 14.13 -1.08
C ILE A 237 -4.70 13.10 -2.20
N ASN A 238 -5.45 12.01 -2.05
CA ASN A 238 -5.58 11.03 -3.12
C ASN A 238 -6.09 11.67 -4.40
N LYS A 239 -7.06 12.57 -4.28
CA LYS A 239 -7.60 13.26 -5.44
C LYS A 239 -6.53 14.14 -6.06
N ALA A 240 -5.77 14.88 -5.25
CA ALA A 240 -4.70 15.70 -5.79
C ALA A 240 -3.69 14.84 -6.54
N ALA A 241 -3.31 13.70 -5.97
CA ALA A 241 -2.33 12.82 -6.63
C ALA A 241 -2.88 12.28 -7.94
N TYR A 242 -4.14 11.83 -7.94
CA TYR A 242 -4.79 11.39 -9.16
C TYR A 242 -4.78 12.49 -10.24
N LEU A 243 -5.09 13.74 -9.84
CA LEU A 243 -5.08 14.83 -10.81
C LEU A 243 -3.67 15.11 -11.34
N ILE A 244 -2.66 15.08 -10.47
CA ILE A 244 -1.30 15.28 -10.94
C ILE A 244 -0.97 14.27 -12.02
N SER A 245 -1.30 13.00 -11.79
CA SER A 245 -0.97 11.95 -12.74
C SER A 245 -1.83 12.04 -14.00
N GLN A 246 -3.15 12.09 -13.85
CA GLN A 246 -4.07 11.85 -14.92
C GLN A 246 -4.69 13.11 -15.49
N GLY A 247 -4.59 14.22 -14.79
CA GLY A 247 -5.24 15.44 -15.18
C GLY A 247 -6.72 15.42 -14.95
N GLY A 248 -7.32 16.57 -15.18
CA GLY A 248 -8.77 16.72 -15.14
C GLY A 248 -9.14 18.12 -14.72
N THR A 249 -10.43 18.40 -14.76
CA THR A 249 -10.97 19.67 -14.27
C THR A 249 -11.88 19.34 -13.10
N HIS A 250 -11.57 19.90 -11.93
CA HIS A 250 -12.22 19.52 -10.69
C HIS A 250 -12.58 20.81 -9.95
N TYR A 251 -13.89 20.96 -9.66
CA TYR A 251 -14.44 22.21 -9.12
C TYR A 251 -13.97 23.39 -9.94
N GLY A 252 -13.95 23.21 -11.26
CA GLY A 252 -13.62 24.26 -12.19
C GLY A 252 -12.15 24.53 -12.41
N VAL A 253 -11.27 23.82 -11.72
CA VAL A 253 -9.83 24.04 -11.80
C VAL A 253 -9.23 22.94 -12.68
N SER A 254 -8.57 23.34 -13.78
CA SER A 254 -7.99 22.38 -14.71
C SER A 254 -6.55 22.02 -14.35
N VAL A 255 -6.25 20.74 -14.44
CA VAL A 255 -4.93 20.21 -14.10
C VAL A 255 -4.42 19.46 -15.33
N VAL A 256 -3.21 19.79 -15.76
CA VAL A 256 -2.54 19.06 -16.82
C VAL A 256 -1.81 17.85 -16.22
N GLY A 257 -2.21 16.64 -16.61
CA GLY A 257 -1.57 15.45 -16.06
C GLY A 257 -0.15 15.27 -16.55
N ILE A 258 0.68 14.69 -15.68
CA ILE A 258 2.08 14.43 -15.99
C ILE A 258 2.44 12.96 -15.96
N GLY A 259 1.50 12.09 -15.62
CA GLY A 259 1.70 10.65 -15.64
C GLY A 259 2.13 10.07 -14.29
N ARG A 260 1.93 8.75 -14.18
CA ARG A 260 2.13 8.04 -12.92
C ARG A 260 3.58 8.07 -12.49
N ASP A 261 4.51 7.91 -13.43
CA ASP A 261 5.91 7.79 -13.06
C ASP A 261 6.39 9.07 -12.39
N LYS A 262 6.04 10.22 -12.95
CA LYS A 262 6.42 11.49 -12.35
C LYS A 262 5.69 11.74 -11.04
N LEU A 263 4.41 11.36 -10.95
CA LEU A 263 3.73 11.43 -9.67
C LEU A 263 4.55 10.67 -8.61
N GLY A 264 4.93 9.43 -8.92
CA GLY A 264 5.67 8.62 -7.96
C GLY A 264 7.00 9.23 -7.59
N LYS A 265 7.71 9.80 -8.57
CA LYS A 265 9.00 10.44 -8.25
C LYS A 265 8.80 11.64 -7.32
N ILE A 266 7.79 12.47 -7.62
CA ILE A 266 7.56 13.67 -6.83
C ILE A 266 7.17 13.30 -5.39
N PHE A 267 6.23 12.37 -5.25
CA PHE A 267 5.79 12.00 -3.91
C PHE A 267 6.82 11.19 -3.15
N TYR A 268 7.62 10.36 -3.84
CA TYR A 268 8.67 9.66 -3.13
C TYR A 268 9.70 10.64 -2.57
N ARG A 269 10.09 11.63 -3.38
CA ARG A 269 11.04 12.64 -2.91
C ARG A 269 10.42 13.47 -1.79
N ALA A 270 9.14 13.82 -1.89
CA ALA A 270 8.51 14.58 -0.82
C ALA A 270 8.56 13.78 0.48
N LEU A 271 8.19 12.50 0.39
CA LEU A 271 8.11 11.63 1.55
C LEU A 271 9.47 11.50 2.23
N THR A 272 10.53 11.36 1.45
CA THR A 272 11.84 10.99 1.97
C THR A 272 12.75 12.18 2.22
N GLN A 273 12.47 13.33 1.65
CA GLN A 273 13.33 14.49 1.82
C GLN A 273 12.67 15.71 2.45
N TYR A 274 11.35 15.81 2.46
CA TYR A 274 10.75 17.07 2.92
C TYR A 274 9.71 16.92 4.02
N LEU A 275 8.89 15.87 3.98
CA LEU A 275 7.83 15.73 4.98
C LEU A 275 8.43 15.39 6.34
N THR A 276 7.72 15.77 7.39
CA THR A 276 8.14 15.53 8.77
C THR A 276 6.97 14.90 9.52
N PRO A 277 7.16 14.51 10.78
CA PRO A 277 6.06 13.82 11.47
C PRO A 277 4.82 14.66 11.59
N THR A 278 4.95 15.98 11.65
CA THR A 278 3.81 16.87 11.87
C THR A 278 3.33 17.59 10.63
N SER A 279 3.81 17.21 9.45
CA SER A 279 3.37 17.93 8.25
C SER A 279 1.86 17.95 8.11
N ASN A 280 1.33 19.12 7.77
CA ASN A 280 -0.08 19.25 7.41
C ASN A 280 -0.23 19.36 5.88
N PHE A 281 -1.48 19.49 5.43
CA PHE A 281 -1.74 19.46 3.99
C PHE A 281 -1.03 20.60 3.26
N SER A 282 -1.04 21.81 3.84
CA SER A 282 -0.36 22.95 3.23
C SER A 282 1.14 22.68 3.10
N GLN A 283 1.72 22.04 4.12
CA GLN A 283 3.13 21.65 4.09
C GLN A 283 3.40 20.55 3.09
N LEU A 284 2.46 19.63 2.89
CA LEU A 284 2.61 18.65 1.83
C LEU A 284 2.64 19.33 0.47
N ARG A 285 1.76 20.27 0.22
CA ARG A 285 1.80 21.00 -1.04
C ARG A 285 3.17 21.61 -1.25
N ALA A 286 3.70 22.27 -0.21
CA ALA A 286 5.02 22.91 -0.34
C ALA A 286 6.11 21.87 -0.60
N ALA A 287 6.02 20.72 0.08
CA ALA A 287 6.98 19.64 -0.14
C ALA A 287 6.92 19.09 -1.56
N ALA A 288 5.70 18.91 -2.08
CA ALA A 288 5.52 18.41 -3.46
C ALA A 288 6.02 19.43 -4.48
N VAL A 289 5.73 20.72 -4.27
CA VAL A 289 6.24 21.76 -5.15
C VAL A 289 7.76 21.75 -5.17
N GLN A 290 8.38 21.68 -3.98
CA GLN A 290 9.83 21.70 -3.92
C GLN A 290 10.42 20.46 -4.56
N SER A 291 9.77 19.30 -4.36
CA SER A 291 10.27 18.06 -4.93
C SER A 291 10.22 18.12 -6.45
N ALA A 292 9.09 18.61 -6.99
CA ALA A 292 8.98 18.74 -8.43
C ALA A 292 9.98 19.77 -8.96
N THR A 293 10.27 20.81 -8.18
CA THR A 293 11.27 21.79 -8.59
C THR A 293 12.64 21.14 -8.68
N ASP A 294 13.02 20.36 -7.65
CA ASP A 294 14.31 19.67 -7.65
C ASP A 294 14.43 18.76 -8.87
N LEU A 295 13.37 18.04 -9.21
CA LEU A 295 13.44 17.02 -10.24
C LEU A 295 13.34 17.59 -11.64
N TYR A 296 12.54 18.64 -11.83
CA TYR A 296 12.12 19.07 -13.16
C TYR A 296 12.36 20.54 -13.43
N GLY A 297 12.67 21.34 -12.42
CA GLY A 297 12.90 22.76 -12.64
C GLY A 297 11.73 23.62 -12.24
N SER A 298 12.03 24.82 -11.71
CA SER A 298 10.99 25.69 -11.19
C SER A 298 9.99 26.13 -12.26
N THR A 299 10.41 26.20 -13.53
CA THR A 299 9.53 26.65 -14.60
C THR A 299 8.83 25.50 -15.29
N SER A 300 8.95 24.30 -14.76
CA SER A 300 8.49 23.13 -15.47
C SER A 300 6.97 22.99 -15.41
N GLN A 301 6.47 22.23 -16.38
CA GLN A 301 5.09 21.79 -16.35
C GLN A 301 4.78 21.00 -15.08
N GLU A 302 5.70 20.16 -14.62
CA GLU A 302 5.45 19.30 -13.47
C GLU A 302 5.16 20.15 -12.24
N VAL A 303 5.94 21.22 -12.03
CA VAL A 303 5.67 22.12 -10.90
C VAL A 303 4.31 22.78 -11.07
N ALA A 304 4.02 23.28 -12.28
CA ALA A 304 2.75 23.95 -12.51
C ALA A 304 1.57 23.02 -12.24
N SER A 305 1.70 21.76 -12.63
CA SER A 305 0.62 20.78 -12.44
C SER A 305 0.44 20.42 -10.97
N VAL A 306 1.53 20.32 -10.20
CA VAL A 306 1.38 20.09 -8.76
C VAL A 306 0.57 21.23 -8.15
N LYS A 307 0.89 22.48 -8.52
CA LYS A 307 0.16 23.62 -7.96
C LYS A 307 -1.32 23.60 -8.35
N GLN A 308 -1.61 23.28 -9.63
CA GLN A 308 -2.99 23.20 -10.09
C GLN A 308 -3.76 22.15 -9.31
N ALA A 309 -3.14 20.98 -9.08
CA ALA A 309 -3.83 19.89 -8.40
C ALA A 309 -4.17 20.25 -6.97
N PHE A 310 -3.24 20.86 -6.24
CA PHE A 310 -3.55 21.29 -4.88
C PHE A 310 -4.55 22.42 -4.88
N ASP A 311 -4.48 23.34 -5.84
CA ASP A 311 -5.54 24.35 -5.98
C ASP A 311 -6.90 23.70 -6.15
N ALA A 312 -6.99 22.67 -7.00
CA ALA A 312 -8.26 22.03 -7.33
C ALA A 312 -8.91 21.43 -6.09
N VAL A 313 -8.12 20.93 -5.15
CA VAL A 313 -8.66 20.35 -3.93
C VAL A 313 -8.64 21.35 -2.77
N GLY A 314 -8.39 22.62 -3.04
CA GLY A 314 -8.52 23.64 -2.03
C GLY A 314 -7.41 23.71 -1.01
N VAL A 315 -6.22 23.20 -1.33
CA VAL A 315 -5.10 23.22 -0.41
C VAL A 315 -4.08 24.23 -0.89
N LYS A 316 -3.84 25.26 -0.08
CA LYS A 316 -2.87 26.30 -0.42
C LYS A 316 -1.62 26.18 0.41
ZN ZN B . -3.29 2.55 6.02
CA CA C . -6.70 -1.01 -6.91
CA CA D . 1.77 -28.25 0.33
CA CA E . -7.24 -3.50 -9.72
CA CA F . -16.84 -5.99 -4.17
C1 GOL G . -12.32 -6.40 12.70
O1 GOL G . -13.07 -7.23 11.80
C2 GOL G . -11.93 -5.11 11.99
O2 GOL G . -13.14 -4.38 11.92
C3 GOL G . -10.88 -4.30 12.79
O3 GOL G . -10.67 -3.09 12.04
C1 GOL H . -0.35 3.14 11.71
O1 GOL H . 0.29 3.99 10.79
C2 GOL H . -0.37 1.70 11.23
O2 GOL H . 0.96 1.25 11.12
C3 GOL H . -1.04 1.49 9.89
O3 GOL H . -1.17 0.11 9.51
C2 7GR I . -6.04 -0.41 5.45
C9 7GR I . -9.28 0.98 6.87
C10 7GR I . -9.46 1.23 8.34
C14 7GR I . -10.49 0.33 6.18
C19 7GR I . -9.98 -2.11 5.86
C31 7GR I . -5.15 0.12 9.28
N1 7GR I . -5.48 -0.77 6.74
C5 7GR I . -7.31 0.40 5.51
O6 7GR I . -7.69 1.08 4.59
N7 7GR I . -8.04 0.25 6.68
O11 7GR I . -8.66 0.75 9.19
O12 7GR I . -10.41 1.97 8.69
C17 7GR I . -10.81 -1.08 6.66
C23 7GR I . -12.28 -1.39 6.42
P28 7GR I . -4.51 0.28 7.58
O29 7GR I . -3.05 -0.10 7.52
O30 7GR I . -4.73 1.70 7.03
C39 7GR I . -3.75 1.49 13.67
C42 7GR I . -2.41 0.95 14.23
C43 7GR I . -2.15 -0.43 14.35
C45 7GR I . -0.94 -0.86 14.90
C47 7GR I . 0.04 0.04 15.31
C49 7GR I . -0.24 1.39 15.18
C51 7GR I . -1.46 1.84 14.67
N34 7GR I . -4.11 0.44 10.24
N34 7GR I . -4.43 1.00 10.16
C36 7GR I . -4.49 1.06 11.45
C36 7GR I . -4.40 0.66 11.50
O37 7GR I . -5.63 1.17 11.81
O37 7GR I . -4.73 -0.42 11.97
O38 7GR I . -3.45 1.53 12.27
O38 7GR I . -3.88 1.70 12.26
S DMS J . -6.32 -1.95 14.53
O DMS J . -7.26 -2.39 15.62
C1 DMS J . -4.90 -3.05 14.51
C2 DMS J . -6.90 -2.36 12.88
S DMS K . 19.07 -19.20 3.75
O DMS K . 20.10 -19.92 4.61
C1 DMS K . 19.07 -17.54 4.42
C2 DMS K . 19.89 -18.87 2.15
S DMS L . 21.28 3.62 0.61
O DMS L . 22.06 4.30 1.69
C1 DMS L . 22.29 3.99 -0.86
C2 DMS L . 21.66 1.85 0.75
S DMS M . -15.42 24.36 -2.68
O DMS M . -16.13 25.64 -2.34
C1 DMS M . -16.67 23.08 -2.89
C2 DMS M . -15.07 24.51 -4.44
KR KR N . 9.69 -1.74 0.66
KR KR O . -5.86 -0.70 1.93
#